data_2VVE
#
_entry.id   2VVE
#
_cell.length_a   107.894
_cell.length_b   107.894
_cell.length_c   44.171
_cell.angle_alpha   90.00
_cell.angle_beta   90.00
_cell.angle_gamma   90.00
#
_symmetry.space_group_name_H-M   'P 4'
#
loop_
_entity.id
_entity.type
_entity.pdbx_description
1 polymer 'SPIKE PROTEIN P1'
2 non-polymer 'CALCIUM ION'
3 non-polymer 'CHLORIDE ION'
4 water water
#
_entity_poly.entity_id   1
_entity_poly.type   'polypeptide(L)'
_entity_poly.pdbx_seq_one_letter_code
;SFQEQTTKSRDVNSFQIPLRDGVRELLPEDASRNRASIKSPVDIWIGGENMTALNGIVDGGRKFEAGQEFQINTFGSVNY
WVSDEEIRVFKEYSARAKYAQNEGRTALEANNVPFFDIDVPPELDGVPFSLKARVRHKSKGVDGLGDYTSISVKPAFYIT
EGDETTDTLIKYTSYGSTGSHSGYDFDDNTLDVMVTLSAGVHRVFPVETELDYDAVQEVQHDWYDESFTTFIEVYSDDPL
LTVKGYAQILMERT
;
_entity_poly.pdbx_strand_id   A,B
#
loop_
_chem_comp.id
_chem_comp.type
_chem_comp.name
_chem_comp.formula
CA non-polymer 'CALCIUM ION' 'Ca 2'
CL non-polymer 'CHLORIDE ION' 'Cl -1'
#
# COMPACT_ATOMS: atom_id res chain seq x y z
N GLN A 3 -48.00 37.94 11.24
CA GLN A 3 -47.03 39.01 11.62
C GLN A 3 -46.16 39.45 10.43
N GLU A 4 -45.77 38.50 9.58
CA GLU A 4 -44.97 38.80 8.40
C GLU A 4 -45.60 38.20 7.15
N GLN A 5 -45.86 39.07 6.17
CA GLN A 5 -46.42 38.66 4.88
C GLN A 5 -45.47 37.70 4.13
N THR A 6 -46.04 36.74 3.42
CA THR A 6 -45.25 35.79 2.62
C THR A 6 -44.64 36.53 1.43
N THR A 7 -43.40 36.18 1.10
CA THR A 7 -42.72 36.77 -0.06
C THR A 7 -42.14 35.67 -0.97
N LYS A 8 -41.89 36.03 -2.23
CA LYS A 8 -41.32 35.10 -3.19
C LYS A 8 -39.84 34.89 -2.90
N SER A 9 -39.34 33.69 -3.22
CA SER A 9 -37.92 33.38 -3.08
C SER A 9 -37.23 33.60 -4.42
N ARG A 10 -36.16 34.37 -4.43
CA ARG A 10 -35.36 34.57 -5.63
C ARG A 10 -34.21 33.57 -5.71
N ASP A 11 -33.56 33.34 -4.57
CA ASP A 11 -32.29 32.62 -4.51
CA ASP A 11 -32.28 32.63 -4.51
C ASP A 11 -32.42 31.19 -4.04
N VAL A 12 -31.67 30.29 -4.69
CA VAL A 12 -31.48 28.92 -4.19
CA VAL A 12 -31.50 28.93 -4.20
C VAL A 12 -30.05 28.77 -3.73
N ASN A 13 -29.86 28.05 -2.64
CA ASN A 13 -28.52 27.76 -2.14
C ASN A 13 -28.52 26.32 -1.67
N SER A 14 -27.58 25.53 -2.17
CA SER A 14 -27.49 24.09 -1.86
C SER A 14 -26.19 23.81 -1.12
N PHE A 15 -26.29 23.03 -0.05
CA PHE A 15 -25.11 22.77 0.78
C PHE A 15 -25.34 21.56 1.68
N GLN A 16 -24.32 21.20 2.42
CA GLN A 16 -24.38 20.03 3.29
C GLN A 16 -24.18 20.46 4.74
N ILE A 17 -24.96 19.88 5.64
CA ILE A 17 -24.78 20.13 7.08
C ILE A 17 -24.18 18.90 7.77
N PRO A 18 -23.10 19.09 8.54
CA PRO A 18 -22.54 17.97 9.28
C PRO A 18 -23.44 17.66 10.47
N LEU A 19 -23.94 16.43 10.50
CA LEU A 19 -24.81 16.00 11.60
C LEU A 19 -23.98 15.46 12.77
N ARG A 20 -24.07 16.11 13.93
CA ARG A 20 -23.24 15.72 15.06
C ARG A 20 -24.13 15.24 16.21
N ASP A 21 -23.58 15.10 17.41
CA ASP A 21 -24.27 14.42 18.50
C ASP A 21 -25.10 15.34 19.41
N GLY A 22 -26.10 14.74 20.05
CA GLY A 22 -27.00 15.50 20.91
C GLY A 22 -27.95 16.38 20.12
N VAL A 23 -28.77 17.16 20.81
CA VAL A 23 -29.72 18.05 20.13
C VAL A 23 -28.96 19.30 19.71
N ARG A 24 -28.96 19.55 18.40
CA ARG A 24 -28.26 20.67 17.80
C ARG A 24 -29.19 21.37 16.84
N GLU A 25 -28.86 22.61 16.51
CA GLU A 25 -29.67 23.36 15.56
C GLU A 25 -29.40 22.88 14.14
N LEU A 26 -30.47 22.61 13.38
CA LEU A 26 -30.37 22.24 11.98
C LEU A 26 -30.38 23.51 11.13
N LEU A 27 -31.32 24.41 11.42
CA LEU A 27 -31.41 25.72 10.77
C LEU A 27 -31.59 26.82 11.81
N PRO A 28 -30.93 27.97 11.59
CA PRO A 28 -31.07 29.09 12.50
C PRO A 28 -32.32 29.91 12.17
N GLU A 29 -32.76 30.78 13.09
CA GLU A 29 -33.77 31.77 12.72
C GLU A 29 -33.17 32.68 11.66
N ASP A 30 -33.89 32.81 10.55
CA ASP A 30 -33.39 33.55 9.40
C ASP A 30 -34.60 34.10 8.64
N ALA A 31 -34.86 35.40 8.82
CA ALA A 31 -36.03 36.05 8.22
C ALA A 31 -36.09 35.91 6.70
N SER A 32 -34.95 35.67 6.06
CA SER A 32 -34.93 35.58 4.59
C SER A 32 -35.42 34.22 4.09
N ARG A 33 -35.34 33.20 4.94
CA ARG A 33 -35.61 31.82 4.51
C ARG A 33 -37.11 31.52 4.37
N ASN A 34 -37.49 31.00 3.21
CA ASN A 34 -38.88 30.60 2.95
C ASN A 34 -39.10 29.10 2.90
N ARG A 35 -38.07 28.36 2.52
CA ARG A 35 -38.22 26.92 2.30
C ARG A 35 -36.86 26.23 2.38
N ALA A 36 -36.87 25.03 2.95
CA ALA A 36 -35.71 24.13 2.91
C ALA A 36 -36.18 22.73 2.52
N SER A 37 -35.55 22.14 1.51
CA SER A 37 -35.77 20.72 1.20
C SER A 37 -34.54 19.94 1.69
N ILE A 38 -34.78 18.95 2.54
CA ILE A 38 -33.73 18.31 3.32
C ILE A 38 -33.77 16.78 3.13
N LYS A 39 -32.60 16.16 3.04
CA LYS A 39 -32.51 14.71 3.05
C LYS A 39 -31.35 14.30 3.94
N SER A 40 -31.66 13.45 4.92
CA SER A 40 -30.64 12.95 5.86
C SER A 40 -30.30 11.51 5.51
N PRO A 41 -29.00 11.14 5.56
CA PRO A 41 -28.62 9.77 5.25
C PRO A 41 -28.86 8.82 6.42
N VAL A 42 -29.27 9.37 7.56
CA VAL A 42 -29.62 8.58 8.75
C VAL A 42 -30.98 9.03 9.27
N ASP A 43 -31.67 8.14 10.00
CA ASP A 43 -32.90 8.56 10.69
C ASP A 43 -32.63 9.81 11.52
N ILE A 44 -33.54 10.77 11.44
CA ILE A 44 -33.31 12.08 12.04
C ILE A 44 -34.59 12.56 12.74
N TRP A 45 -34.43 13.07 13.95
CA TRP A 45 -35.55 13.57 14.72
C TRP A 45 -35.52 15.08 14.62
N ILE A 46 -36.67 15.67 14.29
CA ILE A 46 -36.78 17.10 13.98
C ILE A 46 -37.82 17.75 14.90
N GLY A 47 -37.48 18.90 15.44
CA GLY A 47 -38.37 19.61 16.35
C GLY A 47 -38.02 21.07 16.56
N GLY A 48 -38.83 21.72 17.39
CA GLY A 48 -38.66 23.13 17.74
C GLY A 48 -37.80 23.30 18.96
N GLU A 49 -37.90 24.46 19.59
CA GLU A 49 -37.03 24.82 20.72
C GLU A 49 -37.25 23.94 21.95
N ASN A 50 -38.39 23.25 22.00
CA ASN A 50 -38.73 22.35 23.10
C ASN A 50 -38.09 20.96 23.04
N MET A 51 -37.57 20.59 21.87
CA MET A 51 -37.00 19.25 21.69
C MET A 51 -35.78 19.00 22.56
N THR A 52 -35.79 17.86 23.26
CA THR A 52 -34.69 17.43 24.11
C THR A 52 -34.44 15.95 23.84
N ALA A 53 -33.31 15.43 24.29
CA ALA A 53 -33.00 14.01 24.11
C ALA A 53 -32.20 13.47 25.28
N LEU A 54 -32.76 13.64 26.47
CA LEU A 54 -32.18 13.07 27.70
C LEU A 54 -32.14 11.55 27.65
N ASN A 55 -30.95 11.00 27.88
CA ASN A 55 -30.68 9.55 27.82
C ASN A 55 -31.07 8.87 26.49
N GLY A 56 -30.94 9.59 25.39
CA GLY A 56 -31.22 9.05 24.06
C GLY A 56 -32.70 8.89 23.72
N ILE A 57 -33.57 9.45 24.56
CA ILE A 57 -35.00 9.44 24.31
C ILE A 57 -35.41 10.85 23.89
N VAL A 58 -35.80 10.98 22.61
CA VAL A 58 -36.21 12.28 22.08
C VAL A 58 -37.61 12.61 22.53
N ASP A 59 -37.77 13.81 23.10
CA ASP A 59 -39.08 14.33 23.41
C ASP A 59 -39.27 15.66 22.67
N GLY A 60 -40.48 15.89 22.17
CA GLY A 60 -40.77 17.07 21.36
C GLY A 60 -40.16 17.01 19.97
N GLY A 61 -39.94 15.81 19.48
CA GLY A 61 -39.42 15.62 18.13
C GLY A 61 -40.27 14.63 17.37
N ARG A 62 -40.09 14.57 16.06
CA ARG A 62 -40.58 13.44 15.27
C ARG A 62 -39.54 12.99 14.26
N LYS A 63 -39.59 11.70 13.95
CA LYS A 63 -38.63 11.06 13.07
C LYS A 63 -38.94 11.32 11.60
N PHE A 64 -37.89 11.60 10.85
CA PHE A 64 -37.87 11.41 9.41
C PHE A 64 -36.86 10.31 9.09
N GLU A 65 -37.20 9.46 8.13
CA GLU A 65 -36.34 8.30 7.82
C GLU A 65 -35.09 8.64 7.00
N ALA A 66 -34.06 7.83 7.19
CA ALA A 66 -32.87 7.88 6.34
C ALA A 66 -33.35 7.87 4.89
N GLY A 67 -32.81 8.80 4.11
CA GLY A 67 -33.09 8.90 2.68
C GLY A 67 -34.40 9.56 2.31
N GLN A 68 -35.17 9.97 3.31
CA GLN A 68 -36.49 10.57 3.06
C GLN A 68 -36.29 12.06 2.84
N GLU A 69 -36.79 12.55 1.70
CA GLU A 69 -36.77 13.97 1.44
C GLU A 69 -37.97 14.60 2.15
N PHE A 70 -37.72 15.65 2.91
CA PHE A 70 -38.80 16.37 3.56
C PHE A 70 -38.57 17.88 3.51
N GLN A 71 -39.58 18.66 3.85
CA GLN A 71 -39.42 20.11 3.77
C GLN A 71 -39.77 20.78 5.09
N ILE A 72 -39.10 21.90 5.34
CA ILE A 72 -39.43 22.81 6.44
C ILE A 72 -39.67 24.18 5.81
N ASN A 73 -40.83 24.81 6.10
CA ASN A 73 -41.17 26.08 5.47
C ASN A 73 -41.21 27.26 6.45
N THR A 74 -40.57 27.10 7.60
CA THR A 74 -40.53 28.16 8.61
C THR A 74 -39.34 29.07 8.36
N PHE A 75 -39.31 30.20 9.07
CA PHE A 75 -38.10 31.01 9.10
C PHE A 75 -37.41 30.94 10.47
N GLY A 76 -38.02 30.19 11.39
CA GLY A 76 -37.51 30.09 12.75
C GLY A 76 -36.42 29.03 12.89
N SER A 77 -35.95 28.86 14.14
CA SER A 77 -34.97 27.85 14.51
C SER A 77 -35.60 26.46 14.37
N VAL A 78 -34.80 25.49 13.94
CA VAL A 78 -35.23 24.10 13.83
C VAL A 78 -34.09 23.24 14.38
N ASN A 79 -34.42 22.33 15.30
CA ASN A 79 -33.43 21.43 15.92
C ASN A 79 -33.47 20.01 15.39
N TYR A 80 -32.33 19.32 15.45
CA TYR A 80 -32.27 17.91 15.08
C TYR A 80 -31.62 17.08 16.19
N TRP A 81 -31.88 15.77 16.14
CA TRP A 81 -31.11 14.78 16.89
C TRP A 81 -30.94 13.52 16.04
N VAL A 82 -29.73 12.96 16.02
CA VAL A 82 -29.48 11.70 15.33
C VAL A 82 -28.79 10.66 16.22
N SER A 83 -28.05 11.15 17.21
CA SER A 83 -27.15 10.27 17.97
C SER A 83 -26.60 10.95 19.22
N ASP A 84 -26.32 10.17 20.25
CA ASP A 84 -25.58 10.65 21.43
C ASP A 84 -24.12 10.22 21.46
N GLU A 85 -23.64 9.64 20.36
CA GLU A 85 -22.24 9.19 20.25
C GLU A 85 -21.33 10.37 19.96
N GLU A 86 -20.41 10.67 20.88
CA GLU A 86 -19.51 11.81 20.74
C GLU A 86 -18.46 11.58 19.66
N ILE A 87 -17.93 10.37 19.62
CA ILE A 87 -16.98 10.00 18.57
C ILE A 87 -17.50 8.80 17.75
N ARG A 88 -16.68 8.30 16.82
CA ARG A 88 -17.09 7.13 16.07
C ARG A 88 -16.34 5.92 16.55
N VAL A 89 -17.05 4.98 17.16
CA VAL A 89 -16.47 3.71 17.56
C VAL A 89 -16.89 2.65 16.56
N PHE A 90 -15.91 2.06 15.88
CA PHE A 90 -16.20 1.08 14.85
C PHE A 90 -16.46 -0.28 15.44
N LYS A 91 -15.56 -0.72 16.32
CA LYS A 91 -15.62 -2.02 16.95
C LYS A 91 -14.93 -1.97 18.30
N GLU A 92 -15.38 -2.84 19.20
CA GLU A 92 -14.60 -3.17 20.38
C GLU A 92 -14.45 -4.68 20.39
N TYR A 93 -13.22 -5.15 20.55
CA TYR A 93 -12.95 -6.58 20.56
C TYR A 93 -12.43 -7.03 21.91
N SER A 94 -12.90 -8.19 22.35
CA SER A 94 -12.31 -8.86 23.51
C SER A 94 -11.45 -10.04 23.05
N ALA A 95 -11.72 -10.55 21.85
CA ALA A 95 -10.97 -11.67 21.28
C ALA A 95 -9.62 -11.22 20.76
N ARG A 96 -8.59 -12.03 21.00
CA ARG A 96 -7.26 -11.76 20.47
C ARG A 96 -7.30 -11.70 18.94
N ALA A 97 -6.56 -10.76 18.37
CA ALA A 97 -6.52 -10.59 16.92
C ALA A 97 -5.66 -11.69 16.29
N LYS A 98 -5.97 -12.06 15.05
CA LYS A 98 -5.18 -13.09 14.37
C LYS A 98 -3.91 -12.58 13.69
N TYR A 99 -2.89 -13.44 13.65
CA TYR A 99 -1.76 -13.23 12.75
C TYR A 99 -2.23 -13.26 11.30
N ALA A 100 -1.85 -12.25 10.52
CA ALA A 100 -2.19 -12.27 9.10
C ALA A 100 -1.15 -11.61 8.20
N GLN A 101 -0.76 -12.33 7.16
CA GLN A 101 0.00 -11.78 6.06
C GLN A 101 -0.98 -11.16 5.08
N ASN A 102 -0.49 -10.32 4.18
CA ASN A 102 -1.37 -9.66 3.26
C ASN A 102 -1.74 -10.58 2.09
N GLU A 103 -2.75 -11.41 2.35
CA GLU A 103 -3.16 -12.49 1.45
C GLU A 103 -4.40 -12.10 0.63
N GLY A 104 -4.86 -10.87 0.86
CA GLY A 104 -6.02 -10.37 0.17
C GLY A 104 -7.31 -10.60 0.93
N ARG A 105 -8.35 -9.89 0.54
CA ARG A 105 -9.62 -9.87 1.25
C ARG A 105 -10.27 -11.27 1.38
N THR A 106 -10.38 -11.97 0.25
CA THR A 106 -11.02 -13.28 0.23
C THR A 106 -10.36 -14.25 1.23
N ALA A 107 -9.04 -14.25 1.27
CA ALA A 107 -8.28 -15.19 2.10
C ALA A 107 -8.50 -14.89 3.59
N LEU A 108 -8.55 -13.62 3.94
CA LEU A 108 -8.71 -13.21 5.33
C LEU A 108 -10.11 -13.58 5.83
N GLU A 109 -11.12 -13.33 4.99
CA GLU A 109 -12.49 -13.67 5.34
C GLU A 109 -12.64 -15.19 5.44
N ALA A 110 -11.99 -15.92 4.54
CA ALA A 110 -12.06 -17.40 4.53
C ALA A 110 -11.52 -18.00 5.82
N ASN A 111 -10.58 -17.28 6.44
CA ASN A 111 -9.90 -17.74 7.62
C ASN A 111 -10.40 -17.04 8.88
N ASN A 112 -11.59 -16.46 8.76
CA ASN A 112 -12.30 -15.85 9.87
C ASN A 112 -11.54 -14.76 10.61
N VAL A 113 -10.89 -13.88 9.86
CA VAL A 113 -10.31 -12.65 10.43
C VAL A 113 -11.43 -11.60 10.52
N PRO A 114 -11.86 -11.22 11.75
CA PRO A 114 -12.91 -10.21 11.88
C PRO A 114 -12.58 -8.89 11.19
N PHE A 115 -13.61 -8.31 10.58
CA PHE A 115 -13.47 -7.04 9.88
C PHE A 115 -14.60 -6.09 10.23
N PHE A 116 -14.45 -4.84 9.80
CA PHE A 116 -15.56 -3.90 9.83
C PHE A 116 -15.45 -3.06 8.57
N ASP A 117 -16.55 -2.42 8.19
CA ASP A 117 -16.57 -1.60 6.98
C ASP A 117 -16.65 -0.11 7.35
N ILE A 118 -15.96 0.71 6.55
CA ILE A 118 -16.11 2.17 6.65
C ILE A 118 -16.78 2.63 5.36
N ASP A 119 -17.95 3.27 5.50
CA ASP A 119 -18.63 3.85 4.35
C ASP A 119 -18.19 5.30 4.20
N VAL A 120 -17.31 5.54 3.23
CA VAL A 120 -16.75 6.88 2.99
C VAL A 120 -17.74 7.71 2.15
N PRO A 121 -18.33 8.76 2.75
CA PRO A 121 -19.32 9.55 2.01
C PRO A 121 -18.65 10.37 0.91
N PRO A 122 -19.44 10.80 -0.10
CA PRO A 122 -18.87 11.65 -1.14
C PRO A 122 -18.13 12.83 -0.53
N GLU A 123 -18.68 13.37 0.55
CA GLU A 123 -18.10 14.52 1.24
C GLU A 123 -16.66 14.25 1.78
N LEU A 124 -16.26 12.98 1.87
CA LEU A 124 -14.91 12.59 2.36
C LEU A 124 -14.06 11.89 1.29
N ASP A 125 -14.56 11.88 0.05
CA ASP A 125 -13.86 11.26 -1.07
C ASP A 125 -12.45 11.84 -1.24
N GLY A 126 -11.45 11.00 -1.00
CA GLY A 126 -10.04 11.37 -1.12
C GLY A 126 -9.55 12.37 -0.08
N VAL A 127 -10.26 12.45 1.05
CA VAL A 127 -9.87 13.34 2.15
C VAL A 127 -9.23 12.51 3.27
N PRO A 128 -7.96 12.83 3.64
CA PRO A 128 -7.30 12.05 4.69
C PRO A 128 -7.98 12.19 6.05
N PHE A 129 -8.02 11.09 6.80
CA PHE A 129 -8.64 11.09 8.12
C PHE A 129 -7.89 10.17 9.08
N SER A 130 -8.01 10.47 10.37
CA SER A 130 -7.37 9.67 11.42
C SER A 130 -8.17 8.43 11.77
N LEU A 131 -7.52 7.27 11.69
CA LEU A 131 -8.09 6.02 12.18
C LEU A 131 -7.19 5.48 13.28
N LYS A 132 -7.80 5.21 14.43
CA LYS A 132 -7.06 4.82 15.62
C LYS A 132 -7.54 3.51 16.20
N ALA A 133 -6.67 2.87 16.98
CA ALA A 133 -7.10 1.75 17.81
C ALA A 133 -6.38 1.77 19.15
N ARG A 134 -7.09 1.39 20.19
CA ARG A 134 -6.52 1.10 21.50
C ARG A 134 -6.11 -0.38 21.47
N VAL A 135 -4.81 -0.62 21.61
CA VAL A 135 -4.25 -1.93 21.31
C VAL A 135 -3.57 -2.50 22.55
N ARG A 136 -3.90 -3.75 22.88
CA ARG A 136 -3.35 -4.40 24.05
C ARG A 136 -2.54 -5.62 23.64
N HIS A 137 -1.26 -5.57 23.98
CA HIS A 137 -0.38 -6.72 23.80
C HIS A 137 -0.17 -7.42 25.15
N LYS A 138 -0.38 -8.73 25.17
CA LYS A 138 -0.15 -9.53 26.38
C LYS A 138 0.44 -10.87 25.97
N SER A 139 1.66 -11.13 26.43
CA SER A 139 2.39 -12.35 26.09
C SER A 139 2.72 -13.24 27.28
N LYS A 140 2.93 -12.63 28.46
CA LYS A 140 3.33 -13.35 29.69
C LYS A 140 2.35 -14.46 30.07
N GLY A 141 2.78 -15.71 29.90
CA GLY A 141 1.96 -16.87 30.24
C GLY A 141 0.84 -17.19 29.25
N VAL A 142 0.71 -16.41 28.18
CA VAL A 142 -0.38 -16.61 27.22
C VAL A 142 -0.08 -17.81 26.33
N ASP A 143 -1.03 -18.75 26.28
CA ASP A 143 -0.84 -20.05 25.61
C ASP A 143 0.34 -20.81 26.20
N GLY A 144 0.77 -20.39 27.39
CA GLY A 144 1.89 -21.02 28.09
C GLY A 144 3.26 -20.47 27.73
N LEU A 145 3.30 -19.34 27.04
CA LEU A 145 4.55 -18.68 26.68
C LEU A 145 5.31 -18.26 27.95
N GLY A 146 6.63 -18.40 27.91
CA GLY A 146 7.52 -17.93 28.99
C GLY A 146 7.25 -16.48 29.38
N ASP A 147 7.42 -16.18 30.66
CA ASP A 147 7.15 -14.85 31.20
C ASP A 147 8.17 -13.80 30.75
N TYR A 148 9.31 -14.26 30.21
CA TYR A 148 10.38 -13.34 29.81
C TYR A 148 10.77 -13.48 28.34
N THR A 149 9.99 -14.28 27.62
CA THR A 149 10.09 -14.38 26.17
C THR A 149 9.77 -13.02 25.55
N SER A 150 10.66 -12.56 24.66
CA SER A 150 10.47 -11.29 23.97
CA SER A 150 10.46 -11.28 23.97
C SER A 150 9.66 -11.47 22.70
N ILE A 151 8.49 -10.85 22.68
CA ILE A 151 7.60 -10.91 21.51
C ILE A 151 7.58 -9.56 20.79
N SER A 152 7.91 -9.58 19.50
CA SER A 152 7.80 -8.39 18.65
C SER A 152 6.39 -8.32 18.09
N VAL A 153 5.82 -7.12 18.14
CA VAL A 153 4.47 -6.88 17.64
C VAL A 153 4.46 -5.70 16.65
N LYS A 154 3.57 -5.78 15.67
CA LYS A 154 3.32 -4.67 14.77
C LYS A 154 1.87 -4.77 14.27
N PRO A 155 0.92 -4.15 15.02
CA PRO A 155 -0.48 -4.19 14.63
C PRO A 155 -0.71 -3.41 13.34
N ALA A 156 -1.71 -3.81 12.55
CA ALA A 156 -2.02 -3.10 11.31
C ALA A 156 -3.52 -3.11 11.04
N PHE A 157 -3.97 -2.15 10.22
CA PHE A 157 -5.24 -2.28 9.52
C PHE A 157 -4.90 -2.66 8.10
N TYR A 158 -5.48 -3.77 7.62
CA TYR A 158 -5.47 -4.07 6.20
C TYR A 158 -6.78 -3.56 5.63
N ILE A 159 -6.70 -2.63 4.67
CA ILE A 159 -7.91 -1.97 4.15
C ILE A 159 -8.01 -2.15 2.63
N THR A 160 -9.20 -2.48 2.14
CA THR A 160 -9.38 -2.61 0.68
C THR A 160 -9.15 -1.23 0.02
N GLU A 161 -8.40 -1.19 -1.08
CA GLU A 161 -8.18 0.09 -1.76
C GLU A 161 -9.37 0.43 -2.65
N GLY A 162 -9.99 -0.61 -3.21
CA GLY A 162 -11.30 -0.47 -3.81
C GLY A 162 -12.34 -0.77 -2.74
N ASP A 163 -13.55 -1.11 -3.19
CA ASP A 163 -14.64 -1.37 -2.26
C ASP A 163 -14.57 -2.79 -1.67
N GLU A 164 -15.61 -3.20 -0.95
CA GLU A 164 -15.62 -4.48 -0.26
C GLU A 164 -15.68 -5.70 -1.21
N THR A 165 -15.91 -5.44 -2.50
CA THR A 165 -15.96 -6.51 -3.52
C THR A 165 -14.60 -6.77 -4.19
N THR A 166 -13.64 -5.87 -3.98
CA THR A 166 -12.29 -5.99 -4.54
C THR A 166 -11.40 -6.79 -3.59
N ASP A 167 -10.27 -7.31 -4.07
CA ASP A 167 -9.46 -8.21 -3.24
C ASP A 167 -8.19 -7.65 -2.60
N THR A 168 -7.55 -6.68 -3.25
CA THR A 168 -6.27 -6.20 -2.74
C THR A 168 -6.43 -5.32 -1.49
N LEU A 169 -5.50 -5.51 -0.56
CA LEU A 169 -5.49 -4.78 0.71
C LEU A 169 -4.26 -3.91 0.83
N ILE A 170 -4.43 -2.76 1.49
CA ILE A 170 -3.30 -1.89 1.86
C ILE A 170 -3.06 -2.02 3.36
N LYS A 171 -1.80 -2.29 3.71
CA LYS A 171 -1.41 -2.40 5.10
C LYS A 171 -1.06 -1.03 5.69
N TYR A 172 -1.73 -0.65 6.79
CA TYR A 172 -1.41 0.61 7.49
C TYR A 172 -0.87 0.35 8.88
N THR A 173 0.27 0.95 9.18
CA THR A 173 0.92 0.81 10.49
C THR A 173 1.42 2.16 11.03
N SER A 174 1.64 2.24 12.35
CA SER A 174 2.21 3.45 12.95
C SER A 174 3.30 3.20 13.99
N TYR A 175 3.35 1.99 14.55
CA TYR A 175 4.37 1.63 15.55
C TYR A 175 4.69 0.14 15.55
N GLY A 176 5.90 -0.19 16.00
CA GLY A 176 6.26 -1.56 16.39
C GLY A 176 6.73 -1.56 17.83
N SER A 177 6.61 -2.69 18.51
CA SER A 177 7.02 -2.80 19.92
C SER A 177 7.59 -4.17 20.23
N THR A 178 8.60 -4.21 21.09
CA THR A 178 9.22 -5.46 21.46
C THR A 178 9.41 -5.52 22.97
N GLY A 179 9.09 -6.67 23.53
CA GLY A 179 9.36 -6.96 24.92
C GLY A 179 8.49 -8.08 25.43
N SER A 180 8.49 -8.26 26.75
CA SER A 180 7.57 -9.19 27.41
CA SER A 180 7.58 -9.18 27.41
C SER A 180 6.37 -8.39 27.87
N HIS A 181 5.24 -8.62 27.22
CA HIS A 181 4.04 -7.81 27.44
C HIS A 181 3.15 -8.35 28.55
N SER A 182 2.92 -7.52 29.57
CA SER A 182 2.07 -7.90 30.69
C SER A 182 0.59 -7.58 30.45
N GLY A 183 0.32 -6.75 29.45
CA GLY A 183 -1.04 -6.42 29.04
C GLY A 183 -1.87 -5.64 30.04
N TYR A 184 -1.23 -4.77 30.82
CA TYR A 184 -1.92 -3.95 31.81
C TYR A 184 -2.68 -2.84 31.10
N ASP A 185 -3.93 -2.61 31.49
CA ASP A 185 -4.84 -1.69 30.78
C ASP A 185 -4.29 -0.27 30.57
N PHE A 186 -3.50 0.20 31.54
CA PHE A 186 -2.89 1.53 31.50
C PHE A 186 -1.67 1.60 30.57
N ASP A 187 -1.17 0.45 30.14
CA ASP A 187 -0.05 0.36 29.20
C ASP A 187 -0.50 0.17 27.74
N ASP A 188 -1.81 0.15 27.50
CA ASP A 188 -2.33 -0.04 26.13
C ASP A 188 -1.73 0.99 25.17
N ASN A 189 -1.47 0.54 23.94
CA ASN A 189 -0.94 1.44 22.91
C ASN A 189 -2.02 2.05 22.03
N THR A 190 -1.66 3.12 21.32
CA THR A 190 -2.56 3.67 20.32
C THR A 190 -1.98 3.54 18.91
N LEU A 191 -2.65 2.75 18.09
CA LEU A 191 -2.36 2.68 16.68
C LEU A 191 -3.03 3.92 16.08
N ASP A 192 -2.29 4.75 15.37
CA ASP A 192 -2.84 5.99 14.83
C ASP A 192 -2.30 6.22 13.43
N VAL A 193 -3.16 6.02 12.44
CA VAL A 193 -2.76 6.21 11.04
C VAL A 193 -3.68 7.21 10.35
N MET A 194 -3.13 7.94 9.40
CA MET A 194 -3.93 8.69 8.46
C MET A 194 -4.23 7.76 7.29
N VAL A 195 -5.49 7.75 6.87
CA VAL A 195 -5.91 6.96 5.73
C VAL A 195 -6.65 7.85 4.75
N THR A 196 -6.42 7.62 3.47
CA THR A 196 -7.08 8.40 2.43
C THR A 196 -7.82 7.45 1.50
N LEU A 197 -9.14 7.58 1.45
CA LEU A 197 -9.99 6.63 0.73
C LEU A 197 -10.96 7.28 -0.25
N SER A 198 -11.19 6.58 -1.37
CA SER A 198 -12.23 6.95 -2.31
C SER A 198 -13.60 6.75 -1.70
N ALA A 199 -14.59 7.50 -2.20
CA ALA A 199 -15.96 7.38 -1.75
C ALA A 199 -16.43 5.94 -1.91
N GLY A 200 -17.27 5.49 -0.99
CA GLY A 200 -17.76 4.13 -1.01
C GLY A 200 -17.32 3.32 0.19
N VAL A 201 -17.67 2.04 0.17
CA VAL A 201 -17.42 1.16 1.29
C VAL A 201 -16.02 0.57 1.16
N HIS A 202 -15.27 0.61 2.26
CA HIS A 202 -13.96 -0.03 2.35
C HIS A 202 -13.99 -0.96 3.55
N ARG A 203 -13.44 -2.15 3.37
CA ARG A 203 -13.40 -3.17 4.42
C ARG A 203 -12.05 -3.14 5.12
N VAL A 204 -12.10 -3.21 6.45
CA VAL A 204 -10.90 -3.08 7.30
C VAL A 204 -10.71 -4.32 8.19
N PHE A 205 -9.53 -4.92 8.10
CA PHE A 205 -9.13 -6.08 8.94
C PHE A 205 -8.05 -5.65 9.96
N PRO A 206 -8.43 -5.52 11.24
CA PRO A 206 -7.41 -5.30 12.27
C PRO A 206 -6.62 -6.59 12.52
N VAL A 207 -5.31 -6.54 12.32
CA VAL A 207 -4.48 -7.75 12.39
C VAL A 207 -3.15 -7.53 13.11
N GLU A 208 -2.54 -8.65 13.52
CA GLU A 208 -1.14 -8.65 13.94
C GLU A 208 -0.28 -9.10 12.73
N THR A 209 0.71 -8.29 12.34
CA THR A 209 1.51 -8.58 11.13
C THR A 209 2.80 -9.34 11.41
N GLU A 210 3.19 -9.40 12.69
CA GLU A 210 4.48 -9.95 13.06
C GLU A 210 4.25 -11.28 13.75
N LEU A 211 4.80 -12.35 13.14
CA LEU A 211 4.76 -13.67 13.74
C LEU A 211 6.17 -13.93 14.30
N ASP A 212 6.30 -13.79 15.62
CA ASP A 212 7.60 -13.83 16.29
C ASP A 212 8.14 -15.26 16.32
N TYR A 213 9.42 -15.40 16.00
CA TYR A 213 10.10 -16.69 16.00
C TYR A 213 9.86 -17.49 17.29
N ASP A 214 9.93 -16.79 18.42
CA ASP A 214 9.79 -17.40 19.74
C ASP A 214 8.40 -17.97 19.98
N ALA A 215 7.38 -17.31 19.40
CA ALA A 215 6.00 -17.77 19.46
C ALA A 215 5.81 -19.05 18.66
N VAL A 216 6.46 -19.12 17.51
CA VAL A 216 6.45 -20.32 16.66
C VAL A 216 7.08 -21.52 17.40
N GLN A 217 8.27 -21.32 17.96
CA GLN A 217 9.01 -22.39 18.66
C GLN A 217 8.33 -22.88 19.94
N GLU A 218 7.94 -21.94 20.81
CA GLU A 218 7.42 -22.27 22.15
C GLU A 218 5.98 -22.77 22.16
N VAL A 219 5.11 -22.09 21.43
CA VAL A 219 3.67 -22.38 21.52
C VAL A 219 3.02 -22.70 20.17
N GLN A 220 3.85 -22.92 19.14
CA GLN A 220 3.41 -23.38 17.81
C GLN A 220 2.41 -22.43 17.14
N HIS A 221 2.61 -21.13 17.33
CA HIS A 221 1.80 -20.11 16.66
C HIS A 221 2.10 -20.12 15.16
N ASP A 222 1.07 -19.87 14.36
CA ASP A 222 1.21 -19.83 12.92
C ASP A 222 0.23 -18.82 12.39
N TRP A 223 0.34 -18.48 11.10
CA TRP A 223 -0.58 -17.55 10.47
C TRP A 223 -2.04 -17.94 10.68
N TYR A 224 -2.87 -16.93 10.92
CA TYR A 224 -4.32 -17.07 11.20
C TYR A 224 -4.66 -17.57 12.62
N ASP A 225 -3.63 -17.92 13.41
CA ASP A 225 -3.82 -18.24 14.83
C ASP A 225 -4.02 -16.96 15.61
N GLU A 226 -4.55 -17.07 16.83
CA GLU A 226 -4.68 -15.90 17.71
C GLU A 226 -3.31 -15.45 18.22
N SER A 227 -3.04 -14.16 18.06
CA SER A 227 -1.76 -13.56 18.43
C SER A 227 -1.76 -13.14 19.89
N PHE A 228 -0.77 -12.33 20.28
CA PHE A 228 -0.75 -11.73 21.60
C PHE A 228 -1.31 -10.30 21.57
N THR A 229 -2.01 -9.96 20.49
CA THR A 229 -2.48 -8.59 20.26
C THR A 229 -3.99 -8.55 20.22
N THR A 230 -4.58 -7.60 20.96
CA THR A 230 -6.03 -7.39 20.96
C THR A 230 -6.39 -5.94 20.64
N PHE A 231 -7.31 -5.76 19.69
CA PHE A 231 -7.82 -4.43 19.34
C PHE A 231 -8.98 -4.06 20.27
N ILE A 232 -8.63 -3.59 21.46
CA ILE A 232 -9.60 -3.22 22.49
C ILE A 232 -10.73 -2.31 21.95
N GLU A 233 -10.34 -1.28 21.20
CA GLU A 233 -11.27 -0.35 20.60
C GLU A 233 -10.70 0.17 19.28
N VAL A 234 -11.51 0.15 18.23
CA VAL A 234 -11.15 0.78 16.97
C VAL A 234 -12.11 1.96 16.77
N TYR A 235 -11.55 3.15 16.58
CA TYR A 235 -12.35 4.38 16.64
C TYR A 235 -11.71 5.52 15.87
N SER A 236 -12.43 6.64 15.79
CA SER A 236 -11.85 7.86 15.28
C SER A 236 -12.45 9.02 16.06
N ASP A 237 -11.60 9.97 16.47
CA ASP A 237 -12.09 11.23 17.03
C ASP A 237 -11.85 12.38 16.05
N ASP A 238 -11.50 12.03 14.82
CA ASP A 238 -11.39 12.99 13.73
C ASP A 238 -12.78 13.56 13.40
N PRO A 239 -12.93 14.90 13.43
CA PRO A 239 -14.22 15.55 13.15
C PRO A 239 -14.86 15.13 11.81
N LEU A 240 -14.05 14.70 10.85
CA LEU A 240 -14.58 14.20 9.58
C LEU A 240 -15.29 12.84 9.72
N LEU A 241 -14.98 12.11 10.78
CA LEU A 241 -15.52 10.75 10.96
C LEU A 241 -16.52 10.68 12.10
N THR A 242 -16.42 11.62 13.04
CA THR A 242 -17.33 11.65 14.17
C THR A 242 -18.71 12.16 13.73
N VAL A 243 -18.74 12.92 12.63
CA VAL A 243 -19.98 13.33 11.97
C VAL A 243 -20.78 12.07 11.62
N LYS A 244 -22.08 12.09 11.88
CA LYS A 244 -22.95 10.92 11.68
C LYS A 244 -23.40 10.81 10.23
N GLY A 245 -23.18 11.89 9.49
CA GLY A 245 -23.54 11.95 8.09
C GLY A 245 -23.73 13.39 7.73
N TYR A 246 -23.92 13.64 6.45
CA TYR A 246 -24.16 14.99 5.99
C TYR A 246 -25.57 15.08 5.43
N ALA A 247 -26.36 15.98 6.02
CA ALA A 247 -27.71 16.27 5.53
C ALA A 247 -27.62 17.15 4.30
N GLN A 248 -28.39 16.81 3.27
CA GLN A 248 -28.40 17.57 2.01
C GLN A 248 -29.45 18.64 2.15
N ILE A 249 -29.10 19.90 1.83
CA ILE A 249 -30.02 21.02 1.98
C ILE A 249 -30.09 21.84 0.72
N LEU A 250 -31.31 22.04 0.24
CA LEU A 250 -31.61 23.06 -0.75
C LEU A 250 -32.47 24.10 -0.04
N MET A 251 -31.95 25.32 0.05
CA MET A 251 -32.63 26.41 0.73
C MET A 251 -33.06 27.48 -0.26
N GLU A 252 -34.28 27.99 -0.07
CA GLU A 252 -34.80 29.12 -0.85
C GLU A 252 -35.07 30.32 0.05
N ARG A 253 -34.64 31.49 -0.42
CA ARG A 253 -34.71 32.73 0.35
C ARG A 253 -35.15 33.90 -0.52
N THR A 254 -35.75 34.91 0.11
CA THR A 254 -36.18 36.14 -0.57
C THR A 254 -34.96 36.96 -1.00
N GLU B 4 40.97 -40.45 -28.75
CA GLU B 4 41.21 -38.99 -28.53
C GLU B 4 41.75 -38.27 -29.78
N GLN B 5 41.82 -39.01 -30.89
CA GLN B 5 42.19 -38.44 -32.19
C GLN B 5 41.10 -37.48 -32.66
N THR B 6 41.52 -36.42 -33.35
CA THR B 6 40.58 -35.43 -33.86
C THR B 6 39.70 -36.03 -34.96
N THR B 7 38.46 -35.56 -35.04
CA THR B 7 37.54 -36.05 -36.06
C THR B 7 36.82 -34.85 -36.70
N LYS B 8 36.31 -35.05 -37.91
CA LYS B 8 35.59 -34.00 -38.64
C LYS B 8 34.19 -33.82 -38.08
N SER B 9 33.69 -32.58 -38.10
CA SER B 9 32.32 -32.30 -37.69
C SER B 9 31.36 -32.43 -38.86
N ARG B 10 30.31 -33.22 -38.69
CA ARG B 10 29.26 -33.29 -39.69
C ARG B 10 28.17 -32.24 -39.43
N ASP B 11 27.77 -32.10 -38.18
CA ASP B 11 26.54 -31.40 -37.82
C ASP B 11 26.78 -30.04 -37.18
N VAL B 12 25.94 -29.07 -37.59
CA VAL B 12 25.85 -27.76 -36.92
CA VAL B 12 25.87 -27.80 -36.89
C VAL B 12 24.57 -27.72 -36.08
N ASN B 13 24.67 -27.26 -34.84
CA ASN B 13 23.49 -27.01 -34.03
C ASN B 13 23.58 -25.66 -33.35
N SER B 14 22.56 -24.83 -33.54
CA SER B 14 22.53 -23.51 -32.94
C SER B 14 21.45 -23.46 -31.87
N PHE B 15 21.81 -22.89 -30.71
CA PHE B 15 20.90 -22.83 -29.58
C PHE B 15 21.29 -21.72 -28.61
N GLN B 16 20.45 -21.53 -27.60
CA GLN B 16 20.58 -20.46 -26.60
C GLN B 16 20.69 -21.05 -25.20
N ILE B 17 21.52 -20.42 -24.36
CA ILE B 17 21.68 -20.86 -22.99
C ILE B 17 21.37 -19.68 -22.04
N PRO B 18 20.41 -19.87 -21.10
CA PRO B 18 20.09 -18.83 -20.11
C PRO B 18 21.28 -18.58 -19.20
N LEU B 19 21.57 -17.30 -18.97
CA LEU B 19 22.68 -16.94 -18.09
C LEU B 19 22.12 -16.53 -16.74
N ARG B 20 22.53 -17.22 -15.68
CA ARG B 20 22.03 -16.94 -14.32
C ARG B 20 23.21 -16.63 -13.40
N ASP B 21 22.96 -16.56 -12.09
CA ASP B 21 23.97 -16.14 -11.13
C ASP B 21 24.91 -17.26 -10.64
N GLY B 22 26.14 -16.88 -10.30
CA GLY B 22 27.15 -17.82 -9.81
C GLY B 22 27.88 -18.57 -10.93
N VAL B 23 28.84 -19.40 -10.56
CA VAL B 23 29.53 -20.22 -11.54
C VAL B 23 28.61 -21.37 -11.92
N ARG B 24 28.33 -21.48 -13.22
CA ARG B 24 27.50 -22.54 -13.78
C ARG B 24 28.10 -23.04 -15.09
N GLU B 25 27.66 -24.22 -15.52
CA GLU B 25 28.17 -24.83 -16.75
C GLU B 25 27.59 -24.12 -17.97
N LEU B 26 28.47 -23.71 -18.89
CA LEU B 26 28.04 -23.22 -20.20
C LEU B 26 27.82 -24.38 -21.17
N LEU B 27 28.80 -25.28 -21.23
CA LEU B 27 28.78 -26.44 -22.10
C LEU B 27 29.15 -27.68 -21.28
N PRO B 28 28.35 -28.76 -21.42
CA PRO B 28 28.64 -30.03 -20.76
C PRO B 28 29.73 -30.77 -21.50
N GLU B 29 30.39 -31.69 -20.82
CA GLU B 29 31.25 -32.64 -21.52
C GLU B 29 30.40 -33.39 -22.56
N ASP B 30 30.88 -33.37 -23.80
CA ASP B 30 30.22 -34.02 -24.91
C ASP B 30 31.35 -34.46 -25.83
N ALA B 31 31.61 -35.76 -25.84
CA ALA B 31 32.74 -36.33 -26.57
C ALA B 31 32.71 -36.04 -28.08
N SER B 32 31.50 -35.85 -28.62
CA SER B 32 31.34 -35.57 -30.05
C SER B 32 31.53 -34.09 -30.44
N ARG B 33 31.60 -33.19 -29.47
CA ARG B 33 31.70 -31.75 -29.76
C ARG B 33 33.14 -31.35 -30.10
N ASN B 34 33.31 -30.65 -31.23
CA ASN B 34 34.61 -30.21 -31.71
C ASN B 34 34.83 -28.70 -31.67
N ARG B 35 33.75 -27.94 -31.73
CA ARG B 35 33.80 -26.48 -31.79
C ARG B 35 32.52 -25.84 -31.27
N ALA B 36 32.67 -24.69 -30.63
CA ALA B 36 31.54 -23.87 -30.25
C ALA B 36 31.92 -22.43 -30.50
N SER B 37 31.06 -21.69 -31.19
CA SER B 37 31.22 -20.26 -31.37
C SER B 37 30.12 -19.55 -30.60
N ILE B 38 30.53 -18.65 -29.72
CA ILE B 38 29.64 -18.09 -28.68
C ILE B 38 29.66 -16.58 -28.69
N LYS B 39 28.49 -15.97 -28.47
CA LYS B 39 28.39 -14.53 -28.20
C LYS B 39 27.45 -14.32 -27.02
N SER B 40 27.93 -13.61 -26.02
CA SER B 40 27.14 -13.27 -24.84
C SER B 40 26.66 -11.82 -24.89
N PRO B 41 25.40 -11.56 -24.47
CA PRO B 41 24.88 -10.18 -24.43
C PRO B 41 25.48 -9.37 -23.28
N VAL B 42 26.15 -10.05 -22.34
CA VAL B 42 26.80 -9.40 -21.22
C VAL B 42 28.25 -9.88 -21.11
N ASP B 43 29.11 -9.09 -20.46
CA ASP B 43 30.47 -9.54 -20.14
C ASP B 43 30.38 -10.89 -19.47
N ILE B 44 31.24 -11.82 -19.88
CA ILE B 44 31.17 -13.20 -19.43
C ILE B 44 32.58 -13.73 -19.13
N TRP B 45 32.71 -14.39 -17.98
CA TRP B 45 33.97 -15.04 -17.60
C TRP B 45 33.86 -16.53 -17.89
N ILE B 46 34.88 -17.08 -18.53
CA ILE B 46 34.88 -18.47 -18.98
C ILE B 46 36.11 -19.17 -18.37
N GLY B 47 35.91 -20.38 -17.87
CA GLY B 47 37.00 -21.16 -17.29
C GLY B 47 36.67 -22.63 -17.18
N GLY B 48 37.65 -23.41 -16.72
CA GLY B 48 37.47 -24.83 -16.49
C GLY B 48 37.02 -25.20 -15.09
N GLU B 49 37.44 -26.39 -14.66
CA GLU B 49 37.01 -26.99 -13.39
C GLU B 49 37.42 -26.16 -12.20
N ASN B 50 38.52 -25.42 -12.33
CA ASN B 50 39.06 -24.62 -11.22
C ASN B 50 38.43 -23.23 -11.07
N MET B 51 37.53 -22.87 -11.98
CA MET B 51 36.93 -21.54 -11.91
C MET B 51 35.99 -21.37 -10.72
N THR B 52 36.21 -20.28 -9.99
CA THR B 52 35.41 -19.93 -8.82
C THR B 52 35.13 -18.43 -8.78
N ALA B 53 34.09 -18.06 -8.05
CA ALA B 53 33.75 -16.66 -7.83
C ALA B 53 33.42 -16.41 -6.36
N LEU B 54 34.37 -15.84 -5.62
CA LEU B 54 34.17 -15.50 -4.22
C LEU B 54 34.04 -13.99 -4.06
N ASN B 55 32.91 -13.55 -3.49
CA ASN B 55 32.59 -12.14 -3.31
C ASN B 55 32.62 -11.32 -4.59
N GLY B 56 32.15 -11.91 -5.68
CA GLY B 56 32.07 -11.22 -6.98
C GLY B 56 33.37 -11.19 -7.76
N ILE B 57 34.43 -11.75 -7.19
CA ILE B 57 35.73 -11.82 -7.86
C ILE B 57 35.93 -13.24 -8.40
N VAL B 58 36.19 -13.33 -9.69
CA VAL B 58 36.38 -14.62 -10.33
C VAL B 58 37.85 -15.02 -10.29
N ASP B 59 38.11 -16.25 -9.88
CA ASP B 59 39.45 -16.82 -10.04
C ASP B 59 39.41 -18.01 -10.98
N GLY B 60 40.45 -18.13 -11.79
CA GLY B 60 40.53 -19.19 -12.79
C GLY B 60 39.58 -18.98 -13.96
N GLY B 61 39.26 -17.72 -14.24
CA GLY B 61 38.44 -17.37 -15.39
C GLY B 61 39.10 -16.25 -16.16
N ARG B 62 38.64 -16.05 -17.39
CA ARG B 62 38.94 -14.80 -18.09
C ARG B 62 37.75 -14.23 -18.85
N LYS B 63 37.75 -12.91 -18.97
CA LYS B 63 36.60 -12.17 -19.45
C LYS B 63 36.52 -12.13 -20.98
N PHE B 64 35.33 -12.34 -21.51
CA PHE B 64 35.02 -12.00 -22.89
C PHE B 64 33.94 -10.92 -22.83
N GLU B 65 34.02 -9.93 -23.71
CA GLU B 65 33.14 -8.76 -23.67
C GLU B 65 31.72 -9.07 -24.15
N ALA B 66 30.75 -8.34 -23.63
CA ALA B 66 29.41 -8.32 -24.22
C ALA B 66 29.54 -8.10 -25.73
N GLY B 67 28.87 -8.95 -26.51
CA GLY B 67 28.88 -8.84 -27.97
C GLY B 67 30.13 -9.37 -28.66
N GLN B 68 31.11 -9.83 -27.90
CA GLN B 68 32.31 -10.42 -28.50
C GLN B 68 32.09 -11.88 -28.92
N GLU B 69 32.32 -12.17 -30.19
CA GLU B 69 32.29 -13.56 -30.62
C GLU B 69 33.58 -14.24 -30.20
N PHE B 70 33.47 -15.39 -29.54
CA PHE B 70 34.66 -16.18 -29.20
C PHE B 70 34.38 -17.68 -29.40
N GLN B 71 35.45 -18.47 -29.45
CA GLN B 71 35.31 -19.91 -29.66
C GLN B 71 35.94 -20.72 -28.54
N ILE B 72 35.31 -21.86 -28.24
CA ILE B 72 35.87 -22.86 -27.34
C ILE B 72 35.85 -24.19 -28.09
N ASN B 73 37.02 -24.82 -28.23
CA ASN B 73 37.14 -26.02 -29.08
C ASN B 73 37.47 -27.29 -28.31
N THR B 74 37.03 -27.33 -27.05
CA THR B 74 37.19 -28.51 -26.19
C THR B 74 35.95 -29.38 -26.24
N PHE B 75 36.09 -30.62 -25.78
CA PHE B 75 34.93 -31.49 -25.67
C PHE B 75 34.46 -31.64 -24.22
N GLY B 76 35.24 -31.12 -23.28
CA GLY B 76 34.92 -31.25 -21.86
C GLY B 76 33.98 -30.17 -21.37
N SER B 77 33.83 -30.08 -20.05
CA SER B 77 32.95 -29.08 -19.48
C SER B 77 33.56 -27.68 -19.54
N VAL B 78 32.68 -26.71 -19.78
CA VAL B 78 33.07 -25.30 -19.84
C VAL B 78 32.15 -24.52 -18.91
N ASN B 79 32.75 -23.78 -17.99
CA ASN B 79 32.00 -23.00 -17.01
C ASN B 79 31.98 -21.51 -17.34
N TYR B 80 30.92 -20.83 -16.91
CA TYR B 80 30.78 -19.39 -17.05
C TYR B 80 30.46 -18.72 -15.70
N TRP B 81 30.67 -17.41 -15.66
CA TRP B 81 30.16 -16.54 -14.58
C TRP B 81 29.85 -15.21 -15.21
N VAL B 82 28.71 -14.62 -14.86
CA VAL B 82 28.35 -13.28 -15.33
C VAL B 82 28.02 -12.34 -14.19
N SER B 83 27.50 -12.89 -13.08
CA SER B 83 26.96 -12.10 -11.99
C SER B 83 26.73 -12.93 -10.73
N ASP B 84 26.86 -12.31 -9.55
CA ASP B 84 26.44 -12.95 -8.31
C ASP B 84 25.08 -12.42 -7.83
N GLU B 85 24.42 -11.58 -8.64
CA GLU B 85 23.10 -11.04 -8.27
C GLU B 85 21.98 -12.04 -8.48
N GLU B 86 21.26 -12.37 -7.41
CA GLU B 86 20.16 -13.34 -7.48
C GLU B 86 18.90 -12.70 -8.05
N ILE B 87 18.70 -11.43 -7.75
CA ILE B 87 17.49 -10.71 -8.16
C ILE B 87 17.72 -9.83 -9.39
N ARG B 88 16.64 -9.36 -9.99
CA ARG B 88 16.70 -8.38 -11.07
C ARG B 88 16.55 -7.00 -10.45
N VAL B 89 17.63 -6.24 -10.42
CA VAL B 89 17.55 -4.86 -9.92
C VAL B 89 17.27 -3.91 -11.08
N PHE B 90 16.03 -3.38 -11.14
CA PHE B 90 15.63 -2.47 -12.21
C PHE B 90 16.24 -1.08 -12.06
N LYS B 91 16.21 -0.56 -10.83
CA LYS B 91 16.76 0.76 -10.50
C LYS B 91 17.12 0.90 -9.02
N GLU B 92 18.09 1.76 -8.76
CA GLU B 92 18.43 2.22 -7.40
C GLU B 92 18.45 3.74 -7.38
N TYR B 93 17.81 4.35 -6.37
CA TYR B 93 17.77 5.81 -6.26
C TYR B 93 18.46 6.33 -5.02
N SER B 94 19.17 7.45 -5.19
CA SER B 94 19.69 8.22 -4.08
C SER B 94 18.81 9.45 -3.85
N ALA B 95 18.07 9.82 -4.88
CA ALA B 95 17.21 11.00 -4.88
C ALA B 95 15.84 10.72 -4.26
N ARG B 96 15.29 11.72 -3.59
CA ARG B 96 13.94 11.66 -3.04
C ARG B 96 12.89 11.56 -4.16
N ALA B 97 11.92 10.65 -3.98
CA ALA B 97 10.85 10.47 -4.97
C ALA B 97 9.95 11.69 -5.00
N LYS B 98 9.34 11.96 -6.16
CA LYS B 98 8.38 13.05 -6.27
C LYS B 98 6.99 12.64 -5.77
N TYR B 99 6.27 13.60 -5.19
CA TYR B 99 4.81 13.50 -5.03
C TYR B 99 4.17 13.49 -6.40
N ALA B 100 3.29 12.52 -6.69
CA ALA B 100 2.58 12.52 -7.95
C ALA B 100 1.22 11.85 -7.87
N GLN B 101 0.22 12.51 -8.46
CA GLN B 101 -1.09 11.90 -8.69
C GLN B 101 -1.10 11.17 -10.03
N ASN B 102 -2.10 10.33 -10.26
CA ASN B 102 -2.22 9.60 -11.54
C ASN B 102 -2.62 10.55 -12.68
N GLU B 103 -1.62 11.27 -13.19
CA GLU B 103 -1.81 12.31 -14.19
C GLU B 103 -1.58 11.83 -15.64
N GLY B 104 -1.23 10.56 -15.80
CA GLY B 104 -0.89 10.01 -17.12
C GLY B 104 0.58 10.17 -17.43
N ARG B 105 1.07 9.35 -18.36
CA ARG B 105 2.49 9.27 -18.68
C ARG B 105 3.16 10.59 -19.10
N THR B 106 2.54 11.32 -20.02
CA THR B 106 3.11 12.56 -20.56
C THR B 106 3.43 13.59 -19.46
N ALA B 107 2.46 13.86 -18.60
CA ALA B 107 2.62 14.85 -17.52
C ALA B 107 3.74 14.50 -16.54
N LEU B 108 3.86 13.22 -16.18
CA LEU B 108 4.92 12.77 -15.28
C LEU B 108 6.32 12.94 -15.91
N GLU B 109 6.43 12.68 -17.21
CA GLU B 109 7.68 12.88 -17.92
C GLU B 109 7.99 14.36 -18.09
N ALA B 110 6.93 15.16 -18.26
CA ALA B 110 7.06 16.61 -18.36
C ALA B 110 7.65 17.18 -17.06
N ASN B 111 7.27 16.58 -15.93
CA ASN B 111 7.82 16.95 -14.64
C ASN B 111 8.98 16.06 -14.18
N ASN B 112 9.68 15.48 -15.14
CA ASN B 112 10.89 14.70 -14.88
C ASN B 112 10.80 13.82 -13.61
N VAL B 113 9.68 13.10 -13.51
CA VAL B 113 9.53 12.02 -12.53
C VAL B 113 10.35 10.87 -13.10
N PRO B 114 11.35 10.40 -12.34
CA PRO B 114 12.19 9.31 -12.83
C PRO B 114 11.39 8.04 -13.11
N PHE B 115 11.79 7.33 -14.15
CA PHE B 115 11.15 6.09 -14.54
C PHE B 115 12.19 5.08 -15.02
N PHE B 116 11.77 3.83 -15.12
CA PHE B 116 12.53 2.83 -15.83
C PHE B 116 11.52 2.05 -16.64
N ASP B 117 12.01 1.31 -17.63
CA ASP B 117 11.17 0.48 -18.47
C ASP B 117 11.40 -0.98 -18.15
N ILE B 118 10.31 -1.74 -18.15
CA ILE B 118 10.39 -3.18 -18.02
C ILE B 118 9.92 -3.71 -19.35
N ASP B 119 10.77 -4.54 -19.95
CA ASP B 119 10.43 -5.28 -21.15
C ASP B 119 9.88 -6.61 -20.65
N VAL B 120 8.56 -6.74 -20.69
CA VAL B 120 7.88 -7.95 -20.22
C VAL B 120 8.02 -9.03 -21.28
N PRO B 121 8.65 -10.15 -20.94
CA PRO B 121 8.87 -11.24 -21.88
C PRO B 121 7.56 -11.96 -22.28
N PRO B 122 7.50 -12.50 -23.52
CA PRO B 122 6.28 -13.22 -23.95
C PRO B 122 5.75 -14.21 -22.91
N GLU B 123 6.63 -14.94 -22.23
CA GLU B 123 6.22 -15.90 -21.20
C GLU B 123 5.45 -15.29 -20.01
N LEU B 124 5.57 -13.98 -19.84
CA LEU B 124 4.83 -13.26 -18.79
C LEU B 124 3.65 -12.44 -19.31
N ASP B 125 3.34 -12.58 -20.59
CA ASP B 125 2.20 -11.89 -21.20
C ASP B 125 0.93 -12.23 -20.42
N GLY B 126 0.38 -11.24 -19.72
CA GLY B 126 -0.83 -11.42 -18.90
C GLY B 126 -0.70 -12.36 -17.71
N VAL B 127 0.53 -12.59 -17.27
CA VAL B 127 0.83 -13.46 -16.13
C VAL B 127 1.30 -12.58 -14.95
N PRO B 128 0.66 -12.73 -13.77
CA PRO B 128 1.06 -11.84 -12.66
C PRO B 128 2.50 -12.12 -12.23
N PHE B 129 3.27 -11.06 -11.96
CA PHE B 129 4.61 -11.23 -11.41
C PHE B 129 4.91 -10.24 -10.29
N SER B 130 5.84 -10.64 -9.43
CA SER B 130 6.24 -9.85 -8.29
C SER B 130 7.07 -8.63 -8.71
N LEU B 131 6.66 -7.47 -8.26
CA LEU B 131 7.48 -6.27 -8.38
C LEU B 131 7.55 -5.57 -7.03
N LYS B 132 8.76 -5.27 -6.58
CA LYS B 132 8.97 -4.79 -5.23
C LYS B 132 9.92 -3.61 -5.19
N ALA B 133 9.83 -2.84 -4.11
CA ALA B 133 10.79 -1.78 -3.87
C ALA B 133 11.14 -1.71 -2.40
N ARG B 134 12.43 -1.56 -2.13
CA ARG B 134 12.92 -1.26 -0.80
C ARG B 134 12.83 0.24 -0.68
N VAL B 135 12.17 0.70 0.37
CA VAL B 135 11.80 2.10 0.51
C VAL B 135 12.32 2.62 1.84
N ARG B 136 12.84 3.85 1.83
CA ARG B 136 13.26 4.52 3.04
C ARG B 136 12.47 5.82 3.18
N HIS B 137 11.99 6.08 4.40
CA HIS B 137 11.28 7.31 4.70
C HIS B 137 12.06 8.08 5.74
N LYS B 138 12.34 9.35 5.44
CA LYS B 138 13.00 10.25 6.40
C LYS B 138 12.34 11.61 6.32
N SER B 139 11.73 12.02 7.42
CA SER B 139 11.05 13.31 7.50
C SER B 139 11.67 14.29 8.50
N LYS B 140 12.27 13.76 9.58
CA LYS B 140 12.89 14.61 10.62
C LYS B 140 13.96 15.53 10.03
N GLY B 141 13.73 16.84 10.16
CA GLY B 141 14.69 17.85 9.71
C GLY B 141 14.79 18.05 8.20
N VAL B 142 14.11 17.21 7.43
CA VAL B 142 14.15 17.29 5.98
C VAL B 142 13.35 18.50 5.48
N ASP B 143 14.02 19.34 4.67
CA ASP B 143 13.48 20.63 4.21
C ASP B 143 13.10 21.56 5.38
N GLY B 144 13.70 21.32 6.54
CA GLY B 144 13.41 22.09 7.74
C GLY B 144 12.11 21.70 8.42
N LEU B 145 11.61 20.50 8.13
CA LEU B 145 10.44 19.96 8.83
C LEU B 145 10.82 19.66 10.28
N GLY B 146 9.86 19.87 11.18
CA GLY B 146 10.05 19.54 12.59
C GLY B 146 10.37 18.08 12.80
N ASP B 147 11.22 17.83 13.80
CA ASP B 147 11.53 16.47 14.26
C ASP B 147 10.27 15.81 14.85
N TYR B 148 9.31 16.65 15.24
CA TYR B 148 8.06 16.22 15.85
C TYR B 148 7.02 15.74 14.84
N THR B 149 7.02 16.40 13.68
CA THR B 149 5.92 16.32 12.71
C THR B 149 5.62 14.90 12.21
N SER B 150 4.33 14.56 12.23
CA SER B 150 3.87 13.27 11.74
CA SER B 150 3.87 13.27 11.73
C SER B 150 3.56 13.37 10.25
N ILE B 151 4.21 12.50 9.46
CA ILE B 151 4.05 12.43 8.03
C ILE B 151 3.52 11.05 7.63
N SER B 152 2.45 11.04 6.86
CA SER B 152 1.92 9.78 6.32
C SER B 152 2.46 9.58 4.92
N VAL B 153 2.86 8.35 4.64
CA VAL B 153 3.51 7.99 3.37
C VAL B 153 2.76 6.82 2.72
N LYS B 154 2.75 6.79 1.38
CA LYS B 154 2.09 5.73 0.63
C LYS B 154 2.73 5.66 -0.76
N PRO B 155 3.85 4.93 -0.87
CA PRO B 155 4.56 4.81 -2.14
C PRO B 155 3.76 3.99 -3.14
N ALA B 156 3.95 4.24 -4.43
CA ALA B 156 3.28 3.46 -5.46
C ALA B 156 4.15 3.31 -6.68
N PHE B 157 3.83 2.31 -7.50
CA PHE B 157 4.20 2.34 -8.93
C PHE B 157 3.00 2.79 -9.77
N TYR B 158 3.23 3.72 -10.70
CA TYR B 158 2.28 3.93 -11.81
C TYR B 158 2.90 3.31 -13.05
N ILE B 159 2.18 2.37 -13.67
CA ILE B 159 2.69 1.65 -14.82
C ILE B 159 1.75 1.79 -16.03
N THR B 160 2.29 2.04 -17.22
CA THR B 160 1.48 2.09 -18.43
C THR B 160 0.82 0.72 -18.66
N GLU B 161 -0.48 0.72 -18.90
CA GLU B 161 -1.24 -0.46 -19.23
C GLU B 161 -0.84 -0.93 -20.64
N GLY B 162 -0.79 0.04 -21.56
CA GLY B 162 -0.15 -0.17 -22.86
C GLY B 162 1.35 0.07 -22.81
N ASP B 163 1.96 0.28 -23.97
CA ASP B 163 3.42 0.46 -24.04
C ASP B 163 3.89 1.87 -23.65
N GLU B 164 5.19 2.12 -23.76
CA GLU B 164 5.82 3.36 -23.30
C GLU B 164 5.42 4.62 -24.09
N THR B 165 4.60 4.43 -25.14
CA THR B 165 4.07 5.53 -25.94
C THR B 165 2.60 5.80 -25.65
N THR B 166 2.05 5.10 -24.65
CA THR B 166 0.64 5.24 -24.26
C THR B 166 0.54 5.96 -22.91
N ASP B 167 -0.61 6.56 -22.62
CA ASP B 167 -0.75 7.46 -21.47
C ASP B 167 -1.33 6.84 -20.19
N THR B 168 -2.34 5.98 -20.32
CA THR B 168 -3.04 5.43 -19.15
C THR B 168 -2.11 4.67 -18.19
N LEU B 169 -2.14 5.04 -16.92
CA LEU B 169 -1.31 4.40 -15.89
C LEU B 169 -2.14 3.63 -14.87
N ILE B 170 -1.69 2.44 -14.52
CA ILE B 170 -2.30 1.65 -13.45
C ILE B 170 -1.49 1.87 -12.16
N LYS B 171 -2.20 2.07 -11.05
CA LYS B 171 -1.57 2.31 -9.74
C LYS B 171 -1.45 1.02 -8.92
N TYR B 172 -0.24 0.78 -8.40
CA TYR B 172 0.01 -0.37 -7.52
C TYR B 172 0.56 0.12 -6.19
N THR B 173 -0.18 -0.16 -5.11
CA THR B 173 0.22 0.22 -3.76
C THR B 173 0.11 -1.01 -2.89
N SER B 174 0.77 -0.99 -1.73
CA SER B 174 0.64 -2.10 -0.77
C SER B 174 0.63 -1.70 0.71
N TYR B 175 1.26 -0.56 1.03
CA TYR B 175 1.30 -0.09 2.42
C TYR B 175 1.24 1.43 2.56
N GLY B 176 0.77 1.86 3.72
CA GLY B 176 0.88 3.24 4.18
C GLY B 176 1.42 3.23 5.60
N SER B 177 2.19 4.26 5.94
CA SER B 177 2.79 4.35 7.26
C SER B 177 2.64 5.78 7.78
N THR B 178 2.32 5.92 9.06
CA THR B 178 2.23 7.22 9.70
C THR B 178 3.21 7.31 10.86
N GLY B 179 3.95 8.41 10.88
CA GLY B 179 4.82 8.75 12.01
C GLY B 179 5.81 9.83 11.68
N SER B 180 6.69 10.11 12.62
CA SER B 180 7.84 10.97 12.38
C SER B 180 8.96 10.05 11.94
N HIS B 181 9.41 10.20 10.70
CA HIS B 181 10.34 9.25 10.08
C HIS B 181 11.79 9.67 10.24
N SER B 182 12.53 8.92 11.08
CA SER B 182 13.94 9.18 11.33
C SER B 182 14.84 8.68 10.21
N GLY B 183 14.36 7.66 9.48
CA GLY B 183 15.18 6.96 8.49
C GLY B 183 15.87 5.72 9.04
N TYR B 184 15.79 5.53 10.36
CA TYR B 184 16.55 4.48 11.06
C TYR B 184 15.95 3.08 10.89
N ASP B 185 14.63 3.00 10.80
CA ASP B 185 13.98 1.70 10.60
C ASP B 185 13.53 1.53 9.16
N PHE B 186 14.45 1.05 8.34
CA PHE B 186 14.23 0.87 6.91
C PHE B 186 14.28 -0.60 6.54
N ASP B 187 14.10 -1.45 7.54
CA ASP B 187 13.87 -2.87 7.34
C ASP B 187 12.36 -3.05 7.14
N ASP B 188 11.99 -3.82 6.11
CA ASP B 188 10.58 -4.08 5.77
C ASP B 188 9.61 -2.88 5.66
N ASN B 189 10.11 -1.76 5.14
CA ASN B 189 9.26 -0.83 4.41
C ASN B 189 9.40 -1.25 2.95
N THR B 190 8.56 -2.18 2.52
CA THR B 190 8.69 -2.77 1.19
C THR B 190 7.38 -2.60 0.44
N LEU B 191 7.45 -1.93 -0.70
CA LEU B 191 6.33 -1.90 -1.63
C LEU B 191 6.33 -3.25 -2.33
N ASP B 192 5.23 -3.97 -2.18
CA ASP B 192 5.20 -5.38 -2.50
C ASP B 192 3.92 -5.65 -3.28
N VAL B 193 4.06 -5.72 -4.60
CA VAL B 193 2.89 -5.85 -5.47
C VAL B 193 3.01 -6.96 -6.51
N MET B 194 1.85 -7.32 -7.07
CA MET B 194 1.77 -8.28 -8.16
C MET B 194 1.20 -7.53 -9.34
N VAL B 195 1.99 -7.49 -10.42
CA VAL B 195 1.64 -6.71 -11.58
C VAL B 195 1.30 -7.68 -12.72
N THR B 196 0.24 -7.36 -13.45
CA THR B 196 -0.15 -8.13 -14.64
C THR B 196 -0.16 -7.22 -15.85
N LEU B 197 0.70 -7.54 -16.80
CA LEU B 197 0.92 -6.70 -17.97
C LEU B 197 1.04 -7.54 -19.23
N SER B 198 0.63 -6.96 -20.35
CA SER B 198 0.87 -7.50 -21.68
C SER B 198 2.37 -7.61 -21.97
N ALA B 199 2.75 -8.52 -22.87
CA ALA B 199 4.14 -8.63 -23.31
C ALA B 199 4.67 -7.31 -23.87
N GLY B 200 5.97 -7.10 -23.76
CA GLY B 200 6.60 -5.90 -24.28
C GLY B 200 6.89 -4.85 -23.22
N VAL B 201 7.24 -3.65 -23.69
CA VAL B 201 7.73 -2.60 -22.81
C VAL B 201 6.61 -1.84 -22.12
N HIS B 202 6.77 -1.63 -20.81
CA HIS B 202 5.89 -0.76 -20.04
C HIS B 202 6.75 0.20 -19.24
N ARG B 203 6.29 1.42 -19.08
CA ARG B 203 7.00 2.44 -18.33
C ARG B 203 6.49 2.53 -16.91
N VAL B 204 7.43 2.55 -15.95
CA VAL B 204 7.15 2.48 -14.51
C VAL B 204 7.65 3.76 -13.81
N PHE B 205 6.75 4.44 -13.11
CA PHE B 205 7.09 5.61 -12.29
C PHE B 205 6.90 5.33 -10.79
N PRO B 206 8.01 5.21 -10.03
CA PRO B 206 7.98 5.13 -8.57
C PRO B 206 7.68 6.50 -7.99
N VAL B 207 6.59 6.62 -7.24
CA VAL B 207 6.16 7.93 -6.72
C VAL B 207 5.69 7.81 -5.26
N GLU B 208 5.67 8.95 -4.57
CA GLU B 208 4.94 9.11 -3.32
C GLU B 208 3.52 9.60 -3.63
N THR B 209 2.50 8.87 -3.18
CA THR B 209 1.11 9.25 -3.50
C THR B 209 0.44 10.12 -2.43
N GLU B 210 1.08 10.22 -1.27
CA GLU B 210 0.51 10.92 -0.13
C GLU B 210 1.18 12.28 0.07
N LEU B 211 0.39 13.33 -0.13
CA LEU B 211 0.84 14.68 0.14
C LEU B 211 0.24 15.09 1.48
N ASP B 212 1.05 14.95 2.52
CA ASP B 212 0.60 15.12 3.90
C ASP B 212 0.33 16.59 4.18
N TYR B 213 -0.83 16.87 4.77
CA TYR B 213 -1.24 18.24 5.13
C TYR B 213 -0.16 19.05 5.85
N ASP B 214 0.53 18.41 6.79
CA ASP B 214 1.62 19.06 7.54
C ASP B 214 2.78 19.45 6.62
N ALA B 215 3.07 18.61 5.63
CA ALA B 215 4.12 18.92 4.64
C ALA B 215 3.74 20.16 3.85
N VAL B 216 2.46 20.24 3.49
CA VAL B 216 1.93 21.38 2.73
C VAL B 216 2.04 22.64 3.58
N GLN B 217 1.64 22.55 4.84
CA GLN B 217 1.59 23.72 5.73
C GLN B 217 2.96 24.19 6.19
N GLU B 218 3.79 23.25 6.62
CA GLU B 218 5.06 23.56 7.25
C GLU B 218 6.16 23.88 6.24
N VAL B 219 6.27 23.07 5.21
CA VAL B 219 7.39 23.19 4.24
C VAL B 219 6.97 23.42 2.78
N GLN B 220 5.69 23.74 2.56
CA GLN B 220 5.15 24.13 1.24
C GLN B 220 5.33 23.10 0.13
N HIS B 221 5.18 21.83 0.48
CA HIS B 221 5.28 20.75 -0.49
C HIS B 221 4.07 20.76 -1.42
N ASP B 222 4.34 20.48 -2.69
CA ASP B 222 3.38 20.49 -3.78
C ASP B 222 3.58 19.23 -4.58
N TRP B 223 2.57 18.84 -5.35
CA TRP B 223 2.77 17.80 -6.35
C TRP B 223 4.00 18.10 -7.22
N TYR B 224 4.76 17.05 -7.50
CA TYR B 224 6.04 17.11 -8.24
C TYR B 224 7.23 17.64 -7.44
N ASP B 225 6.98 18.09 -6.20
CA ASP B 225 8.07 18.39 -5.27
C ASP B 225 8.71 17.09 -4.79
N GLU B 226 9.91 17.20 -4.21
CA GLU B 226 10.54 16.06 -3.53
C GLU B 226 9.81 15.73 -2.23
N SER B 227 9.43 14.45 -2.11
CA SER B 227 8.73 13.95 -0.92
C SER B 227 9.75 13.54 0.15
N PHE B 228 9.29 12.85 1.19
CA PHE B 228 10.18 12.32 2.21
C PHE B 228 10.47 10.83 1.99
N THR B 229 10.21 10.37 0.77
CA THR B 229 10.30 8.96 0.43
C THR B 229 11.38 8.70 -0.63
N THR B 230 12.20 7.69 -0.39
CA THR B 230 13.25 7.28 -1.34
C THR B 230 13.10 5.79 -1.67
N PHE B 231 13.05 5.48 -2.96
CA PHE B 231 13.08 4.10 -3.43
C PHE B 231 14.55 3.62 -3.49
N ILE B 232 15.01 2.97 -2.42
CA ILE B 232 16.38 2.43 -2.35
C ILE B 232 16.65 1.50 -3.54
N GLU B 233 15.70 0.59 -3.81
CA GLU B 233 15.87 -0.37 -4.88
C GLU B 233 14.51 -0.83 -5.41
N VAL B 234 14.35 -0.88 -6.71
CA VAL B 234 13.20 -1.53 -7.35
C VAL B 234 13.66 -2.82 -8.02
N TYR B 235 13.00 -3.93 -7.67
CA TYR B 235 13.49 -5.26 -8.04
C TYR B 235 12.40 -6.32 -8.20
N SER B 236 12.77 -7.44 -8.83
CA SER B 236 11.90 -8.61 -8.88
C SER B 236 12.76 -9.85 -8.72
N ASP B 237 12.20 -10.88 -8.10
CA ASP B 237 12.85 -12.19 -8.06
C ASP B 237 12.21 -13.20 -9.03
N ASP B 238 11.34 -12.73 -9.91
CA ASP B 238 10.73 -13.65 -10.89
C ASP B 238 11.80 -14.22 -11.82
N PRO B 239 11.92 -15.57 -11.86
CA PRO B 239 12.95 -16.26 -12.67
C PRO B 239 12.98 -15.82 -14.14
N LEU B 240 11.83 -15.44 -14.69
CA LEU B 240 11.76 -14.92 -16.06
C LEU B 240 12.33 -13.50 -16.21
N LEU B 241 12.52 -12.81 -15.09
CA LEU B 241 13.14 -11.48 -15.11
C LEU B 241 14.59 -11.49 -14.62
N THR B 242 14.95 -12.48 -13.80
CA THR B 242 16.28 -12.51 -13.16
C THR B 242 17.38 -13.09 -14.07
N VAL B 243 16.98 -13.88 -15.07
CA VAL B 243 17.91 -14.37 -16.10
C VAL B 243 18.63 -13.16 -16.71
N LYS B 244 19.95 -13.23 -16.80
CA LYS B 244 20.77 -12.07 -17.16
C LYS B 244 20.81 -11.85 -18.68
N GLY B 245 20.34 -12.84 -19.43
CA GLY B 245 20.43 -12.86 -20.88
C GLY B 245 20.62 -14.30 -21.36
N TYR B 246 20.74 -14.47 -22.67
CA TYR B 246 20.98 -15.78 -23.25
C TYR B 246 22.24 -15.78 -24.10
N ALA B 247 23.17 -16.67 -23.77
CA ALA B 247 24.35 -16.84 -24.62
C ALA B 247 23.92 -17.53 -25.91
N GLN B 248 24.38 -17.01 -27.05
CA GLN B 248 24.03 -17.55 -28.35
C GLN B 248 25.16 -18.45 -28.81
N ILE B 249 24.83 -19.70 -29.12
CA ILE B 249 25.85 -20.73 -29.37
C ILE B 249 25.60 -21.46 -30.67
N LEU B 250 26.65 -21.55 -31.48
CA LEU B 250 26.68 -22.45 -32.62
C LEU B 250 27.74 -23.49 -32.28
N MET B 251 27.34 -24.74 -32.37
CA MET B 251 28.16 -25.89 -31.98
C MET B 251 28.31 -26.84 -33.15
N GLU B 252 29.48 -27.45 -33.27
CA GLU B 252 29.79 -28.39 -34.34
C GLU B 252 30.17 -29.73 -33.73
N ARG B 253 29.54 -30.80 -34.22
CA ARG B 253 29.79 -32.13 -33.69
C ARG B 253 30.10 -33.18 -34.76
N THR B 254 30.88 -34.19 -34.35
CA THR B 254 31.04 -35.41 -35.12
C THR B 254 29.73 -36.17 -35.06
CA CA C . 11.27 -12.65 19.84
CL CL D . -23.61 22.84 17.02
CA CA E . 0.55 14.45 9.14
CA CA F . 3.47 25.53 -2.68
CA CA G . 6.88 23.71 -3.01
#